data_8U8X
#
_entry.id   8U8X
#
_cell.length_a   59.420
_cell.length_b   59.420
_cell.length_c   82.484
_cell.angle_alpha   90.000
_cell.angle_beta   90.000
_cell.angle_gamma   120.000
#
_symmetry.space_group_name_H-M   'P 31'
#
loop_
_entity.id
_entity.type
_entity.pdbx_description
1 polymer 'Receptor tyrosine-protein kinase erbB-2'
2 non-polymer 1-{(1R,3r,5S)-3-[(3M)-4-methyl-3-{3-methyl-4-[(1-methyl-1H-benzimidazol-5-yl)oxy]phenyl}-1H-pyrazolo[3,4-d]pyrimidin-1-yl]-8-azabicyclo[3.2.1]octan-8-yl}propan-1-one
3 non-polymer DI(HYDROXYETHYL)ETHER
4 non-polymer 'CHLORIDE ION'
5 water water
#
_entity_poly.entity_id   1
_entity_poly.type   'polypeptide(L)'
_entity_poly.pdbx_seq_one_letter_code
;MGTELVEPLTPSGAMPNQAQMRILKETELRKVKVLGSGAFGTVYKGIWIPDGENVKIPVAIKVLRENTSPKANKEILDEA
YVMAYVMAGVGSPYVSRLLGICLTSTVQLVTQLMPYGCLLDHVRENRGRLGSQDLLNWCMQIAKGMSYLEDVRLVHRDLA
ARNVLVKSPNHVKITDFGLARLLDIDETEYHADGGKVPIKWMALESILRRRFTHQSDVWSYGVTVWELMTFGAKPYDGIP
AREIPDLLEKGERLPQPPICTIDVYMIMVKCWMIDSECRPRFRELVSEFSRMARDPQRFVVIQNEDLGPASPLDSTFYRS
LLEDDDMGDLVDAEEYLVPQQGHHHHHH
;
_entity_poly.pdbx_strand_id   A
#
loop_
_chem_comp.id
_chem_comp.type
_chem_comp.name
_chem_comp.formula
CL non-polymer 'CHLORIDE ION' 'Cl -1'
PEG non-polymer DI(HYDROXYETHYL)ETHER 'C4 H10 O3'
W9N non-polymer 1-{(1R,3r,5S)-3-[(3M)-4-methyl-3-{3-methyl-4-[(1-methyl-1H-benzimidazol-5-yl)oxy]phenyl}-1H-pyrazolo[3,4-d]pyrimidin-1-yl]-8-azabicyclo[3.2.1]octan-8-yl}propan-1-one 'C31 H33 N7 O2'
#
# COMPACT_ATOMS: atom_id res chain seq x y z
N MET A 21 16.50 -10.76 8.49
CA MET A 21 16.64 -10.75 7.05
C MET A 21 17.65 -11.81 6.60
N ARG A 22 17.40 -12.44 5.46
CA ARG A 22 18.28 -13.46 4.92
C ARG A 22 18.64 -13.17 3.48
N ILE A 23 19.84 -13.60 3.08
CA ILE A 23 20.20 -13.70 1.68
C ILE A 23 19.74 -15.06 1.19
N LEU A 24 18.83 -15.06 0.22
CA LEU A 24 18.25 -16.30 -0.30
C LEU A 24 18.94 -16.75 -1.58
N LYS A 25 19.13 -18.07 -1.72
CA LYS A 25 19.60 -18.61 -3.00
C LYS A 25 18.45 -18.81 -3.95
N GLU A 26 18.74 -18.72 -5.25
CA GLU A 26 17.64 -18.77 -6.21
C GLU A 26 16.92 -20.13 -6.16
N THR A 27 17.62 -21.20 -5.77
CA THR A 27 16.98 -22.51 -5.65
C THR A 27 16.00 -22.59 -4.49
N GLU A 28 16.01 -21.60 -3.61
CA GLU A 28 15.11 -21.58 -2.47
C GLU A 28 13.72 -21.06 -2.84
N LEU A 29 13.57 -20.41 -3.98
CA LEU A 29 12.35 -19.69 -4.33
C LEU A 29 11.74 -20.25 -5.60
N ARG A 30 10.42 -20.33 -5.64
CA ARG A 30 9.71 -20.73 -6.84
C ARG A 30 8.50 -19.82 -6.98
N LYS A 31 8.35 -19.20 -8.15
CA LYS A 31 7.15 -18.42 -8.43
C LYS A 31 6.00 -19.33 -8.85
N VAL A 32 4.81 -19.08 -8.31
CA VAL A 32 3.68 -19.94 -8.67
C VAL A 32 2.59 -19.20 -9.41
N LYS A 33 2.47 -17.88 -9.23
CA LYS A 33 1.55 -17.15 -10.11
C LYS A 33 1.73 -15.66 -9.91
N VAL A 34 1.37 -14.90 -10.91
CA VAL A 34 1.56 -13.46 -10.84
C VAL A 34 0.40 -12.84 -10.09
N LEU A 35 0.69 -11.86 -9.21
CA LEU A 35 -0.37 -11.20 -8.47
C LEU A 35 -0.71 -9.82 -9.04
N GLY A 36 0.28 -9.07 -9.48
CA GLY A 36 0.02 -7.77 -10.06
C GLY A 36 1.30 -6.94 -10.09
N SER A 37 1.14 -5.67 -10.42
CA SER A 37 2.30 -4.83 -10.64
C SER A 37 2.26 -3.65 -9.68
N GLY A 38 3.41 -2.98 -9.54
CA GLY A 38 3.46 -1.67 -8.89
C GLY A 38 4.68 -0.95 -9.42
N ALA A 39 5.08 0.18 -8.84
CA ALA A 39 6.25 0.84 -9.38
C ALA A 39 7.47 -0.07 -9.27
N PHE A 40 8.30 -0.08 -10.32
CA PHE A 40 9.61 -0.71 -10.41
C PHE A 40 9.58 -2.25 -10.53
N GLY A 41 8.45 -2.92 -10.33
CA GLY A 41 8.52 -4.37 -10.41
C GLY A 41 7.16 -5.05 -10.34
N THR A 42 7.20 -6.36 -10.58
CA THR A 42 6.00 -7.21 -10.59
C THR A 42 6.00 -8.10 -9.36
N VAL A 43 4.83 -8.32 -8.76
CA VAL A 43 4.73 -9.18 -7.57
C VAL A 43 4.16 -10.54 -7.95
N TYR A 44 4.83 -11.59 -7.48
CA TYR A 44 4.38 -12.97 -7.68
C TYR A 44 4.05 -13.60 -6.34
N LYS A 45 3.05 -14.49 -6.33
CA LYS A 45 2.93 -15.43 -5.23
C LYS A 45 3.96 -16.54 -5.45
N GLY A 46 4.67 -16.92 -4.40
CA GLY A 46 5.71 -17.92 -4.54
C GLY A 46 5.78 -18.84 -3.34
N ILE A 47 6.69 -19.79 -3.42
CA ILE A 47 6.97 -20.68 -2.31
C ILE A 47 8.44 -20.53 -1.96
N TRP A 48 8.73 -20.37 -0.67
CA TRP A 48 10.09 -20.37 -0.14
C TRP A 48 10.28 -21.70 0.57
N ILE A 49 11.28 -22.46 0.13
CA ILE A 49 11.67 -23.69 0.82
C ILE A 49 13.05 -23.40 1.40
N PRO A 50 13.17 -23.13 2.70
CA PRO A 50 14.48 -22.78 3.26
C PRO A 50 15.53 -23.83 2.91
N ASP A 51 16.74 -23.35 2.61
CA ASP A 51 17.77 -24.24 2.10
C ASP A 51 18.07 -25.34 3.11
N GLY A 52 18.05 -26.58 2.62
CA GLY A 52 18.32 -27.73 3.46
C GLY A 52 17.10 -28.35 4.10
N GLU A 53 15.94 -27.73 3.99
CA GLU A 53 14.74 -28.20 4.66
C GLU A 53 13.70 -28.60 3.64
N ASN A 54 12.56 -29.05 4.15
CA ASN A 54 11.48 -29.53 3.32
C ASN A 54 10.22 -28.71 3.49
N VAL A 55 10.18 -27.79 4.45
CA VAL A 55 8.97 -27.03 4.73
C VAL A 55 8.74 -26.01 3.62
N LYS A 56 7.46 -25.72 3.33
CA LYS A 56 7.09 -24.82 2.26
C LYS A 56 6.40 -23.61 2.89
N ILE A 57 6.82 -22.40 2.50
CA ILE A 57 6.41 -21.17 3.14
C ILE A 57 5.86 -20.25 2.06
N PRO A 58 4.60 -19.83 2.10
CA PRO A 58 4.10 -18.94 1.06
C PRO A 58 4.71 -17.56 1.22
N VAL A 59 5.16 -16.99 0.10
CA VAL A 59 5.76 -15.67 0.12
C VAL A 59 5.23 -14.88 -1.06
N ALA A 60 5.41 -13.57 -0.97
CA ALA A 60 5.26 -12.69 -2.13
C ALA A 60 6.64 -12.23 -2.55
N ILE A 61 6.90 -12.26 -3.85
CA ILE A 61 8.21 -11.92 -4.39
C ILE A 61 8.01 -10.76 -5.33
N LYS A 62 8.66 -9.62 -5.06
CA LYS A 62 8.65 -8.52 -6.03
C LYS A 62 9.96 -8.61 -6.81
N VAL A 63 9.84 -8.72 -8.13
CA VAL A 63 10.98 -8.79 -9.04
C VAL A 63 11.13 -7.43 -9.68
N LEU A 64 12.28 -6.77 -9.47
CA LEU A 64 12.42 -5.46 -10.11
C LEU A 64 12.54 -5.63 -11.61
N ARG A 65 11.90 -4.74 -12.35
CA ARG A 65 12.09 -4.67 -13.79
C ARG A 65 13.50 -4.23 -14.13
N GLU A 66 14.01 -4.70 -15.27
CA GLU A 66 15.37 -4.33 -15.61
C GLU A 66 15.41 -2.87 -16.03
N ASN A 67 16.51 -2.20 -15.68
CA ASN A 67 16.70 -0.79 -15.99
C ASN A 67 17.11 -0.67 -17.46
N THR A 68 16.22 -0.09 -18.29
CA THR A 68 16.44 -0.06 -19.74
C THR A 68 17.38 1.05 -20.20
N SER A 69 17.83 1.93 -19.30
CA SER A 69 18.62 3.09 -19.73
C SER A 69 19.96 2.66 -20.30
N PRO A 70 20.31 3.12 -21.52
CA PRO A 70 21.62 2.76 -22.11
C PRO A 70 22.81 3.29 -21.33
N LYS A 71 22.67 4.44 -20.69
CA LYS A 71 23.74 5.07 -19.93
C LYS A 71 23.75 4.64 -18.47
N ALA A 72 22.77 3.85 -18.03
CA ALA A 72 22.78 3.33 -16.67
C ALA A 72 24.01 2.45 -16.45
N ASN A 73 24.44 2.39 -15.19
CA ASN A 73 25.52 1.49 -14.78
C ASN A 73 25.14 0.04 -15.07
N LYS A 74 26.03 -0.69 -15.73
CA LYS A 74 25.73 -2.10 -16.08
C LYS A 74 25.74 -2.98 -14.82
N GLU A 75 26.38 -2.49 -13.76
CA GLU A 75 26.59 -3.29 -12.51
C GLU A 75 25.25 -3.62 -11.88
N ASP A 78 24.54 -4.61 -5.48
CA ASP A 78 25.04 -5.77 -4.76
C ASP A 78 24.22 -6.00 -3.50
N GLU A 79 24.39 -7.20 -2.93
CA GLU A 79 23.57 -7.60 -1.81
C GLU A 79 23.65 -6.60 -0.66
N ALA A 80 24.86 -6.18 -0.30
CA ALA A 80 25.00 -5.27 0.84
C ALA A 80 24.27 -3.96 0.61
N TYR A 81 24.33 -3.44 -0.62
CA TYR A 81 23.71 -2.15 -0.90
C TYR A 81 22.20 -2.26 -0.81
N VAL A 82 21.63 -3.32 -1.41
CA VAL A 82 20.19 -3.53 -1.35
C VAL A 82 19.75 -3.79 0.08
N MET A 83 20.46 -4.68 0.79
CA MET A 83 20.09 -4.97 2.18
C MET A 83 20.05 -3.69 3.02
N ALA A 84 21.07 -2.84 2.89
CA ALA A 84 21.09 -1.62 3.71
C ALA A 84 19.86 -0.74 3.47
N TYR A 85 19.36 -0.70 2.22
CA TYR A 85 18.23 0.16 1.92
C TYR A 85 16.89 -0.47 2.26
N VAL A 86 16.76 -1.80 2.17
CA VAL A 86 15.43 -2.37 2.38
C VAL A 86 15.19 -2.82 3.81
N MET A 87 16.26 -2.89 4.62
CA MET A 87 16.14 -3.20 6.07
C MET A 87 15.86 -1.89 6.80
N ALA A 88 14.63 -1.40 6.61
CA ALA A 88 14.20 -0.17 7.25
C ALA A 88 12.71 -0.31 7.53
N GLY A 89 12.28 0.30 8.64
CA GLY A 89 10.85 0.24 8.99
C GLY A 89 10.37 -1.14 9.37
N VAL A 90 11.15 -1.90 10.16
CA VAL A 90 10.79 -3.29 10.41
C VAL A 90 10.02 -3.48 11.71
N GLY A 91 9.63 -2.38 12.38
CA GLY A 91 9.11 -2.48 13.73
C GLY A 91 7.70 -2.02 14.00
N SER A 92 6.80 -2.10 13.01
CA SER A 92 5.40 -1.76 13.21
C SER A 92 4.52 -2.93 12.77
N PRO A 93 3.46 -3.24 13.50
CA PRO A 93 2.50 -4.24 13.00
C PRO A 93 1.80 -3.81 11.73
N TYR A 94 1.81 -2.50 11.43
CA TYR A 94 0.96 -1.98 10.36
C TYR A 94 1.75 -1.68 9.09
N VAL A 95 3.00 -2.16 8.99
CA VAL A 95 3.82 -1.96 7.82
CA VAL A 95 3.75 -2.01 7.75
C VAL A 95 4.52 -3.29 7.50
N SER A 96 4.60 -3.68 6.23
CA SER A 96 5.29 -4.93 5.90
C SER A 96 6.80 -4.80 6.07
N ARG A 97 7.46 -5.96 6.18
CA ARG A 97 8.92 -6.01 6.20
C ARG A 97 9.39 -7.19 5.35
N LEU A 98 10.54 -7.02 4.69
CA LEU A 98 11.08 -8.10 3.88
C LEU A 98 11.64 -9.20 4.77
N LEU A 99 11.54 -10.44 4.32
CA LEU A 99 12.26 -11.48 5.03
C LEU A 99 13.53 -11.88 4.31
N GLY A 100 13.73 -11.45 3.07
CA GLY A 100 14.91 -11.91 2.37
C GLY A 100 15.03 -11.22 1.05
N ILE A 101 16.24 -11.29 0.47
CA ILE A 101 16.44 -10.85 -0.89
C ILE A 101 17.20 -11.94 -1.63
N CYS A 102 17.05 -11.96 -2.95
CA CYS A 102 17.78 -12.90 -3.79
C CYS A 102 18.26 -12.12 -5.00
N LEU A 103 19.59 -11.96 -5.13
CA LEU A 103 20.19 -11.19 -6.21
C LEU A 103 20.88 -12.16 -7.15
N THR A 104 20.43 -12.20 -8.39
CA THR A 104 21.12 -13.01 -9.38
C THR A 104 21.17 -12.15 -10.63
N SER A 105 20.59 -12.65 -11.73
CA SER A 105 20.39 -11.80 -12.89
C SER A 105 19.36 -10.73 -12.59
N THR A 106 18.46 -11.00 -11.65
CA THR A 106 17.37 -10.09 -11.25
C THR A 106 17.44 -9.84 -9.75
N VAL A 107 16.74 -8.80 -9.31
CA VAL A 107 16.61 -8.49 -7.89
C VAL A 107 15.24 -8.96 -7.45
N GLN A 108 15.22 -9.92 -6.51
CA GLN A 108 13.99 -10.46 -5.94
C GLN A 108 13.91 -10.01 -4.48
N LEU A 109 12.79 -9.36 -4.13
CA LEU A 109 12.52 -8.95 -2.75
C LEU A 109 11.38 -9.79 -2.20
N VAL A 110 11.58 -10.39 -1.02
CA VAL A 110 10.70 -11.45 -0.55
C VAL A 110 10.08 -11.07 0.78
N THR A 111 8.77 -11.26 0.90
CA THR A 111 8.09 -10.99 2.17
C THR A 111 7.02 -12.04 2.42
N GLN A 112 6.53 -12.10 3.67
CA GLN A 112 5.39 -12.95 3.97
C GLN A 112 4.22 -12.62 3.06
N LEU A 113 3.52 -13.64 2.58
CA LEU A 113 2.32 -13.39 1.80
C LEU A 113 1.17 -13.03 2.74
N MET A 114 0.53 -11.89 2.52
CA MET A 114 -0.59 -11.53 3.38
C MET A 114 -1.79 -12.35 2.93
N PRO A 115 -2.37 -13.21 3.78
CA PRO A 115 -3.29 -14.24 3.26
C PRO A 115 -4.59 -13.74 2.69
N TYR A 116 -5.08 -12.57 3.07
CA TYR A 116 -6.38 -12.14 2.60
C TYR A 116 -6.26 -11.03 1.55
N GLY A 117 -5.10 -10.89 0.92
CA GLY A 117 -5.06 -9.96 -0.22
C GLY A 117 -5.09 -8.50 0.19
N CYS A 118 -5.66 -7.65 -0.66
CA CYS A 118 -5.68 -6.23 -0.38
C CYS A 118 -7.06 -5.75 0.06
N LEU A 119 -7.06 -4.66 0.83
CA LEU A 119 -8.30 -4.10 1.35
C LEU A 119 -9.19 -3.58 0.23
N LEU A 120 -8.59 -3.12 -0.86
CA LEU A 120 -9.37 -2.62 -2.00
C LEU A 120 -10.30 -3.72 -2.51
N ASP A 121 -9.77 -4.93 -2.71
CA ASP A 121 -10.64 -6.01 -3.20
C ASP A 121 -11.67 -6.39 -2.14
N HIS A 122 -11.27 -6.34 -0.86
CA HIS A 122 -12.17 -6.72 0.21
C HIS A 122 -13.39 -5.81 0.25
N VAL A 123 -13.19 -4.49 0.15
CA VAL A 123 -14.38 -3.63 0.25
C VAL A 123 -15.21 -3.71 -1.03
N ARG A 124 -14.58 -3.94 -2.17
CA ARG A 124 -15.32 -4.04 -3.43
C ARG A 124 -16.22 -5.26 -3.43
N GLU A 125 -15.77 -6.35 -2.80
CA GLU A 125 -16.54 -7.58 -2.83
C GLU A 125 -17.62 -7.57 -1.77
N ASN A 126 -17.44 -6.85 -0.68
CA ASN A 126 -18.40 -6.90 0.42
C ASN A 126 -19.39 -5.75 0.44
N ARG A 127 -19.05 -4.63 -0.19
CA ARG A 127 -19.94 -3.47 -0.29
C ARG A 127 -20.73 -3.29 1.00
N GLY A 128 -22.06 -3.37 0.92
CA GLY A 128 -22.95 -3.09 2.03
C GLY A 128 -22.89 -4.06 3.20
N ARG A 129 -22.18 -5.18 3.08
CA ARG A 129 -22.04 -6.07 4.23
C ARG A 129 -21.03 -5.58 5.27
N LEU A 130 -20.23 -4.57 4.94
CA LEU A 130 -19.24 -4.01 5.84
C LEU A 130 -19.91 -3.26 6.99
N GLY A 131 -19.17 -3.09 8.10
CA GLY A 131 -19.63 -2.28 9.22
C GLY A 131 -18.82 -1.02 9.39
N SER A 132 -19.46 0.01 9.94
CA SER A 132 -18.76 1.27 10.22
C SER A 132 -17.54 1.06 11.10
N GLN A 133 -17.67 0.21 12.12
CA GLN A 133 -16.55 -0.05 13.02
C GLN A 133 -15.33 -0.59 12.29
N ASP A 134 -15.53 -1.53 11.37
CA ASP A 134 -14.39 -2.04 10.60
C ASP A 134 -13.75 -0.95 9.72
N LEU A 135 -14.58 -0.16 9.02
CA LEU A 135 -14.03 0.87 8.15
C LEU A 135 -13.16 1.84 8.93
N LEU A 136 -13.67 2.34 10.07
CA LEU A 136 -12.91 3.34 10.83
C LEU A 136 -11.69 2.71 11.47
N ASN A 137 -11.78 1.42 11.86
CA ASN A 137 -10.60 0.76 12.43
CA ASN A 137 -10.61 0.76 12.42
C ASN A 137 -9.49 0.64 11.39
N TRP A 138 -9.85 0.27 10.16
CA TRP A 138 -8.82 0.20 9.12
C TRP A 138 -8.23 1.59 8.85
N CYS A 139 -9.07 2.63 8.80
CA CYS A 139 -8.50 3.96 8.61
C CYS A 139 -7.51 4.29 9.71
N MET A 140 -7.82 3.89 10.95
CA MET A 140 -6.91 4.23 12.03
C MET A 140 -5.62 3.41 11.96
N GLN A 141 -5.71 2.16 11.56
CA GLN A 141 -4.49 1.37 11.42
C GLN A 141 -3.61 1.87 10.28
N ILE A 142 -4.21 2.23 9.15
CA ILE A 142 -3.39 2.80 8.06
C ILE A 142 -2.66 4.06 8.56
N ALA A 143 -3.38 4.92 9.30
CA ALA A 143 -2.74 6.14 9.82
C ALA A 143 -1.61 5.79 10.77
N LYS A 144 -1.79 4.71 11.55
CA LYS A 144 -0.71 4.27 12.45
C LYS A 144 0.52 3.83 11.68
N GLY A 145 0.32 3.06 10.61
CA GLY A 145 1.45 2.67 9.79
C GLY A 145 2.15 3.87 9.17
N MET A 146 1.40 4.84 8.66
CA MET A 146 2.04 6.00 8.02
C MET A 146 2.75 6.86 9.04
N SER A 147 2.17 6.97 10.24
CA SER A 147 2.83 7.68 11.32
C SER A 147 4.18 7.04 11.63
N TYR A 148 4.22 5.70 11.64
CA TYR A 148 5.48 5.00 11.86
C TYR A 148 6.46 5.28 10.73
N LEU A 149 5.99 5.22 9.48
CA LEU A 149 6.91 5.52 8.36
C LEU A 149 7.43 6.95 8.48
N GLU A 150 6.59 7.89 8.95
CA GLU A 150 7.11 9.24 9.13
C GLU A 150 8.15 9.27 10.24
N ASP A 151 7.93 8.48 11.29
CA ASP A 151 8.89 8.44 12.42
C ASP A 151 10.24 7.90 11.99
N VAL A 152 10.26 6.95 11.04
CA VAL A 152 11.53 6.41 10.54
C VAL A 152 11.98 7.11 9.28
N ARG A 153 11.37 8.26 8.96
CA ARG A 153 11.80 9.16 7.90
C ARG A 153 11.77 8.50 6.53
N LEU A 154 10.73 7.70 6.25
CA LEU A 154 10.61 6.99 4.98
C LEU A 154 9.32 7.45 4.30
N VAL A 155 9.45 8.25 3.24
CA VAL A 155 8.30 8.71 2.46
C VAL A 155 7.84 7.57 1.58
N HIS A 156 6.53 7.27 1.62
CA HIS A 156 6.00 6.08 0.93
C HIS A 156 5.97 6.27 -0.60
N ARG A 157 5.32 7.33 -1.05
CA ARG A 157 5.14 7.79 -2.43
C ARG A 157 4.03 7.07 -3.19
N ASP A 158 3.41 6.03 -2.65
CA ASP A 158 2.38 5.32 -3.42
C ASP A 158 1.36 4.67 -2.48
N LEU A 159 0.88 5.43 -1.49
CA LEU A 159 -0.18 4.89 -0.66
C LEU A 159 -1.50 4.88 -1.42
N ALA A 160 -2.23 3.76 -1.35
CA ALA A 160 -3.49 3.56 -2.04
C ALA A 160 -4.08 2.31 -1.43
N ALA A 161 -5.40 2.12 -1.59
CA ALA A 161 -6.00 0.97 -0.92
C ALA A 161 -5.49 -0.34 -1.49
N ARG A 162 -5.04 -0.35 -2.75
CA ARG A 162 -4.46 -1.59 -3.27
C ARG A 162 -3.19 -1.99 -2.54
N ASN A 163 -2.54 -1.04 -1.86
CA ASN A 163 -1.29 -1.29 -1.14
C ASN A 163 -1.51 -1.46 0.35
N VAL A 164 -2.76 -1.60 0.78
CA VAL A 164 -3.09 -1.92 2.16
C VAL A 164 -3.51 -3.38 2.16
N LEU A 165 -2.73 -4.22 2.84
CA LEU A 165 -2.94 -5.66 2.79
C LEU A 165 -3.64 -6.14 4.04
N VAL A 166 -4.36 -7.26 3.90
CA VAL A 166 -5.17 -7.80 4.98
C VAL A 166 -4.49 -9.04 5.56
N LYS A 167 -3.99 -8.95 6.81
CA LYS A 167 -3.45 -10.13 7.50
C LYS A 167 -4.57 -10.93 8.16
N SER A 168 -5.50 -10.21 8.76
CA SER A 168 -6.69 -10.76 9.37
C SER A 168 -7.73 -9.66 9.39
N PRO A 169 -8.99 -9.99 9.68
CA PRO A 169 -10.04 -8.96 9.56
C PRO A 169 -9.77 -7.68 10.37
N ASN A 170 -9.10 -7.79 11.52
CA ASN A 170 -8.79 -6.64 12.37
C ASN A 170 -7.32 -6.24 12.30
N HIS A 171 -6.61 -6.55 11.20
CA HIS A 171 -5.17 -6.28 11.14
C HIS A 171 -4.78 -6.05 9.69
N VAL A 172 -4.52 -4.80 9.31
CA VAL A 172 -4.04 -4.48 7.97
C VAL A 172 -2.61 -3.93 8.04
N LYS A 173 -1.90 -3.98 6.91
CA LYS A 173 -0.49 -3.59 6.84
C LYS A 173 -0.26 -2.82 5.54
N ILE A 174 0.46 -1.71 5.60
CA ILE A 174 0.86 -0.99 4.39
C ILE A 174 2.08 -1.67 3.79
N THR A 175 2.10 -1.79 2.44
CA THR A 175 3.25 -2.43 1.80
C THR A 175 3.79 -1.55 0.66
N ASP A 176 4.88 -2.03 0.04
CA ASP A 176 5.49 -1.51 -1.20
C ASP A 176 6.06 -0.09 -1.01
N PHE A 177 7.19 -0.04 -0.29
CA PHE A 177 7.86 1.25 -0.12
C PHE A 177 9.37 1.03 -0.03
N GLY A 178 10.10 2.13 -0.24
CA GLY A 178 11.56 2.10 -0.10
C GLY A 178 12.33 1.93 -1.37
N LEU A 179 11.68 1.69 -2.50
CA LEU A 179 12.41 1.33 -3.71
C LEU A 179 12.89 2.52 -4.51
N ALA A 180 12.13 3.63 -4.55
CA ALA A 180 12.63 4.79 -5.28
C ALA A 180 13.95 5.27 -4.70
N ARG A 181 14.10 5.24 -3.38
CA ARG A 181 15.39 5.73 -2.88
C ARG A 181 16.48 4.69 -3.00
N LEU A 182 16.14 3.40 -2.98
CA LEU A 182 17.12 2.36 -3.29
C LEU A 182 17.69 2.57 -4.70
N LEU A 183 16.81 2.75 -5.69
CA LEU A 183 17.28 2.87 -7.06
C LEU A 183 17.75 4.28 -7.39
N ASP A 184 17.44 5.27 -6.56
CA ASP A 184 17.84 6.67 -6.75
C ASP A 184 17.36 7.17 -8.10
N ILE A 185 16.09 6.93 -8.36
CA ILE A 185 15.55 7.02 -9.71
C ILE A 185 14.14 7.57 -9.53
N ASP A 186 13.80 8.63 -10.25
CA ASP A 186 12.41 9.03 -10.26
C ASP A 186 11.61 8.03 -11.07
N GLU A 187 10.39 7.72 -10.59
CA GLU A 187 9.56 6.73 -11.26
C GLU A 187 9.37 7.07 -12.73
N THR A 188 9.23 8.36 -13.06
CA THR A 188 8.91 8.72 -14.44
C THR A 188 10.07 8.47 -15.37
N GLU A 189 11.28 8.31 -14.83
CA GLU A 189 12.50 8.08 -15.58
CA GLU A 189 12.43 8.07 -15.69
C GLU A 189 12.88 6.61 -15.64
N TYR A 190 12.14 5.75 -14.96
CA TYR A 190 12.32 4.31 -15.04
C TYR A 190 11.41 3.83 -16.16
N HIS A 191 11.90 3.93 -17.40
CA HIS A 191 11.02 3.69 -18.55
C HIS A 191 10.52 2.26 -18.63
N ALA A 192 11.10 1.32 -17.86
CA ALA A 192 10.54 -0.03 -17.85
C ALA A 192 9.15 -0.05 -17.23
N ASP A 193 8.75 1.01 -16.51
CA ASP A 193 7.40 1.08 -15.97
C ASP A 193 6.39 1.64 -16.94
N GLY A 194 6.82 1.97 -18.17
CA GLY A 194 5.86 2.30 -19.21
C GLY A 194 5.16 3.62 -19.03
N GLY A 195 5.71 4.50 -18.19
CA GLY A 195 5.17 5.82 -17.98
C GLY A 195 3.95 5.88 -17.10
N LYS A 196 3.64 4.80 -16.39
CA LYS A 196 2.46 4.81 -15.53
C LYS A 196 2.80 5.35 -14.15
N VAL A 197 2.02 6.32 -13.69
CA VAL A 197 2.17 6.80 -12.30
C VAL A 197 0.80 7.03 -11.70
N PRO A 198 0.69 6.96 -10.36
CA PRO A 198 -0.67 6.98 -9.75
C PRO A 198 -1.22 8.38 -9.60
N ILE A 199 -1.47 9.04 -10.75
CA ILE A 199 -1.80 10.47 -10.76
C ILE A 199 -2.98 10.77 -9.83
N LYS A 200 -3.99 9.91 -9.83
CA LYS A 200 -5.22 10.25 -9.12
C LYS A 200 -5.09 10.10 -7.60
N TRP A 201 -3.95 9.62 -7.12
CA TRP A 201 -3.66 9.58 -5.69
C TRP A 201 -2.62 10.59 -5.26
N MET A 202 -2.01 11.34 -6.19
CA MET A 202 -0.82 12.13 -5.86
C MET A 202 -1.17 13.57 -5.53
N ALA A 203 -0.41 14.15 -4.61
CA ALA A 203 -0.54 15.58 -4.31
C ALA A 203 -0.15 16.38 -5.54
N LEU A 204 -0.72 17.59 -5.66
CA LEU A 204 -0.40 18.42 -6.83
C LEU A 204 1.09 18.65 -6.98
N GLU A 205 1.80 18.86 -5.87
CA GLU A 205 3.22 19.18 -5.99
C GLU A 205 4.00 17.94 -6.45
N SER A 206 3.49 16.76 -6.18
CA SER A 206 4.14 15.56 -6.70
C SER A 206 3.90 15.41 -8.19
N ILE A 207 2.70 15.73 -8.66
CA ILE A 207 2.42 15.67 -10.10
C ILE A 207 3.29 16.65 -10.85
N LEU A 208 3.31 17.90 -10.38
CA LEU A 208 3.92 18.96 -11.19
C LEU A 208 5.44 19.05 -11.05
N ARG A 209 5.97 18.81 -9.87
CA ARG A 209 7.38 19.02 -9.60
C ARG A 209 8.06 17.77 -9.07
N ARG A 210 7.37 16.63 -9.07
CA ARG A 210 7.94 15.37 -8.59
C ARG A 210 8.45 15.51 -7.14
N ARG A 211 7.80 16.35 -6.34
CA ARG A 211 8.17 16.53 -4.94
C ARG A 211 7.34 15.60 -4.08
N PHE A 212 8.01 14.73 -3.31
CA PHE A 212 7.36 13.77 -2.42
C PHE A 212 7.83 13.98 -1.01
N THR A 213 6.88 14.15 -0.08
CA THR A 213 7.18 14.36 1.32
C THR A 213 6.15 13.61 2.14
N HIS A 214 6.32 13.63 3.46
CA HIS A 214 5.31 12.98 4.28
C HIS A 214 3.99 13.68 4.14
N GLN A 215 4.01 14.98 3.83
CA GLN A 215 2.76 15.68 3.61
C GLN A 215 2.12 15.32 2.27
N SER A 216 2.90 14.93 1.25
CA SER A 216 2.22 14.41 0.06
C SER A 216 1.66 13.02 0.33
N ASP A 217 2.29 12.25 1.22
CA ASP A 217 1.69 10.99 1.66
C ASP A 217 0.33 11.23 2.32
N VAL A 218 0.18 12.35 3.02
CA VAL A 218 -1.11 12.65 3.66
C VAL A 218 -2.19 12.84 2.61
N TRP A 219 -1.85 13.47 1.49
CA TRP A 219 -2.83 13.59 0.42
C TRP A 219 -3.28 12.21 -0.05
N SER A 220 -2.31 11.30 -0.24
CA SER A 220 -2.66 9.97 -0.71
C SER A 220 -3.48 9.21 0.32
N TYR A 221 -3.21 9.45 1.60
CA TYR A 221 -4.03 8.87 2.66
C TYR A 221 -5.48 9.29 2.52
N GLY A 222 -5.74 10.58 2.24
CA GLY A 222 -7.12 11.02 2.06
C GLY A 222 -7.82 10.30 0.92
N VAL A 223 -7.11 10.12 -0.21
CA VAL A 223 -7.70 9.36 -1.32
C VAL A 223 -7.95 7.92 -0.90
N THR A 224 -7.01 7.32 -0.14
CA THR A 224 -7.20 5.94 0.31
C THR A 224 -8.44 5.79 1.20
N VAL A 225 -8.63 6.74 2.13
CA VAL A 225 -9.84 6.75 2.95
C VAL A 225 -11.08 6.89 2.08
N TRP A 226 -11.01 7.73 1.04
CA TRP A 226 -12.13 7.89 0.12
C TRP A 226 -12.43 6.58 -0.61
N GLU A 227 -11.39 5.85 -1.05
CA GLU A 227 -11.65 4.54 -1.67
C GLU A 227 -12.36 3.61 -0.73
N LEU A 228 -11.93 3.58 0.55
CA LEU A 228 -12.55 2.66 1.49
C LEU A 228 -14.01 3.02 1.73
N MET A 229 -14.30 4.32 1.85
CA MET A 229 -15.65 4.72 2.24
C MET A 229 -16.62 4.67 1.07
N THR A 230 -16.11 4.54 -0.15
CA THR A 230 -16.96 4.33 -1.32
C THR A 230 -17.00 2.87 -1.75
N PHE A 231 -16.47 1.96 -0.93
CA PHE A 231 -16.45 0.52 -1.25
C PHE A 231 -15.63 0.27 -2.52
N GLY A 232 -14.55 1.02 -2.66
CA GLY A 232 -13.61 0.77 -3.74
C GLY A 232 -13.93 1.47 -5.04
N ALA A 233 -14.63 2.61 -5.03
CA ALA A 233 -14.80 3.33 -6.27
C ALA A 233 -13.46 3.81 -6.81
N LYS A 234 -13.41 4.06 -8.13
CA LYS A 234 -12.21 4.65 -8.73
C LYS A 234 -12.29 6.17 -8.63
N PRO A 235 -11.28 6.81 -8.04
CA PRO A 235 -11.30 8.29 -7.93
C PRO A 235 -11.35 8.96 -9.30
N TYR A 236 -12.15 10.02 -9.40
CA TYR A 236 -12.29 10.81 -10.63
C TYR A 236 -12.56 9.91 -11.84
N ASP A 237 -13.42 8.91 -11.66
CA ASP A 237 -13.69 7.96 -12.73
C ASP A 237 -14.22 8.70 -13.96
N GLY A 238 -13.66 8.37 -15.13
CA GLY A 238 -14.04 9.03 -16.35
C GLY A 238 -13.25 10.27 -16.71
N ILE A 239 -12.42 10.77 -15.81
CA ILE A 239 -11.61 11.96 -16.05
C ILE A 239 -10.21 11.51 -16.43
N PRO A 240 -9.67 11.94 -17.57
CA PRO A 240 -8.34 11.46 -17.98
C PRO A 240 -7.26 12.01 -17.08
N ALA A 241 -6.26 11.17 -16.81
CA ALA A 241 -5.16 11.58 -15.95
C ALA A 241 -4.54 12.91 -16.40
N ARG A 242 -4.49 13.17 -17.72
CA ARG A 242 -3.86 14.41 -18.16
C ARG A 242 -4.63 15.64 -17.72
N GLU A 243 -5.92 15.52 -17.40
CA GLU A 243 -6.75 16.65 -16.98
C GLU A 243 -6.79 16.84 -15.46
N ILE A 244 -6.15 15.97 -14.69
CA ILE A 244 -6.24 16.05 -13.24
C ILE A 244 -5.56 17.30 -12.66
N PRO A 245 -4.36 17.71 -13.07
CA PRO A 245 -3.78 18.91 -12.46
C PRO A 245 -4.65 20.14 -12.62
N ASP A 246 -5.18 20.38 -13.83
CA ASP A 246 -6.10 21.51 -14.03
C ASP A 246 -7.33 21.39 -13.15
N LEU A 247 -7.85 20.18 -12.99
CA LEU A 247 -9.03 19.98 -12.15
C LEU A 247 -8.74 20.39 -10.71
N LEU A 248 -7.60 19.94 -10.19
CA LEU A 248 -7.26 20.26 -8.81
C LEU A 248 -6.97 21.74 -8.65
N GLU A 249 -6.29 22.34 -9.64
CA GLU A 249 -5.92 23.75 -9.52
C GLU A 249 -7.15 24.65 -9.51
N LYS A 250 -8.26 24.18 -10.09
CA LYS A 250 -9.49 24.95 -10.10
C LYS A 250 -10.30 24.74 -8.83
N GLY A 251 -9.82 23.86 -7.95
CA GLY A 251 -10.44 23.69 -6.66
C GLY A 251 -11.34 22.47 -6.55
N GLU A 252 -11.60 21.77 -7.65
CA GLU A 252 -12.48 20.60 -7.59
C GLU A 252 -11.83 19.47 -6.80
N ARG A 253 -12.65 18.71 -6.07
CA ARG A 253 -12.17 17.59 -5.26
C ARG A 253 -13.09 16.38 -5.41
N LEU A 254 -12.63 15.24 -4.91
CA LEU A 254 -13.48 14.06 -4.87
C LEU A 254 -14.74 14.32 -4.04
N PRO A 255 -15.89 13.74 -4.41
CA PRO A 255 -17.16 14.07 -3.72
C PRO A 255 -17.30 13.36 -2.39
N GLN A 256 -18.30 13.82 -1.63
CA GLN A 256 -18.54 13.20 -0.32
C GLN A 256 -19.10 11.79 -0.46
N PRO A 257 -18.44 10.76 0.07
CA PRO A 257 -19.03 9.41 0.04
C PRO A 257 -20.34 9.39 0.81
N PRO A 258 -21.37 8.74 0.27
CA PRO A 258 -22.70 8.76 0.93
C PRO A 258 -22.70 8.27 2.38
N ILE A 259 -21.81 7.35 2.77
CA ILE A 259 -21.84 6.85 4.15
C ILE A 259 -21.09 7.72 5.14
N CYS A 260 -20.41 8.77 4.66
CA CYS A 260 -19.58 9.61 5.51
C CYS A 260 -20.35 10.82 6.01
N THR A 261 -20.25 11.09 7.30
CA THR A 261 -20.72 12.37 7.79
C THR A 261 -19.78 13.46 7.32
N ILE A 262 -20.26 14.71 7.40
CA ILE A 262 -19.44 15.85 7.01
C ILE A 262 -18.17 15.93 7.85
N ASP A 263 -18.22 15.45 9.10
CA ASP A 263 -17.02 15.42 9.95
C ASP A 263 -15.89 14.60 9.32
N VAL A 264 -16.20 13.42 8.77
CA VAL A 264 -15.18 12.58 8.15
C VAL A 264 -14.76 13.17 6.81
N TYR A 265 -15.72 13.66 6.02
CA TYR A 265 -15.34 14.28 4.77
C TYR A 265 -14.44 15.51 4.97
N MET A 266 -14.63 16.26 6.07
CA MET A 266 -13.77 17.42 6.31
C MET A 266 -12.31 17.02 6.44
N ILE A 267 -12.07 15.88 7.08
CA ILE A 267 -10.66 15.40 7.24
C ILE A 267 -10.09 15.11 5.85
N MET A 268 -10.88 14.48 4.98
CA MET A 268 -10.39 14.16 3.61
C MET A 268 -10.07 15.46 2.87
N VAL A 269 -10.95 16.45 2.97
CA VAL A 269 -10.72 17.73 2.23
C VAL A 269 -9.43 18.36 2.74
N LYS A 270 -9.19 18.33 4.05
CA LYS A 270 -7.96 18.92 4.56
C LYS A 270 -6.73 18.20 3.99
N CYS A 271 -6.85 16.91 3.72
CA CYS A 271 -5.69 16.20 3.17
C CYS A 271 -5.35 16.64 1.75
N TRP A 272 -6.29 17.26 1.06
CA TRP A 272 -6.15 17.61 -0.36
C TRP A 272 -5.92 19.10 -0.56
N MET A 273 -5.56 19.83 0.48
CA MET A 273 -5.29 21.23 0.27
C MET A 273 -3.98 21.40 -0.51
N ILE A 274 -3.93 22.41 -1.42
CA ILE A 274 -2.68 22.64 -2.15
C ILE A 274 -1.53 23.01 -1.23
N ASP A 275 -1.83 23.77 -0.18
CA ASP A 275 -0.84 24.10 0.85
C ASP A 275 -0.54 22.85 1.68
N SER A 276 0.61 22.22 1.39
CA SER A 276 0.96 20.97 2.07
C SER A 276 1.13 21.15 3.56
N GLU A 277 1.50 22.35 4.02
CA GLU A 277 1.69 22.55 5.44
C GLU A 277 0.41 22.63 6.22
N CYS A 278 -0.72 22.82 5.54
CA CYS A 278 -2.02 22.91 6.18
C CYS A 278 -2.74 21.57 6.22
N ARG A 279 -2.18 20.54 5.59
CA ARG A 279 -2.78 19.22 5.64
C ARG A 279 -2.59 18.63 7.02
N PRO A 280 -3.45 17.69 7.43
CA PRO A 280 -3.28 17.08 8.76
C PRO A 280 -1.95 16.36 8.84
N ARG A 281 -1.46 16.16 10.07
CA ARG A 281 -0.31 15.32 10.35
CA ARG A 281 -0.31 15.32 10.32
C ARG A 281 -0.77 13.91 10.67
N PHE A 282 0.06 12.92 10.36
CA PHE A 282 -0.38 11.54 10.58
C PHE A 282 -0.68 11.29 12.06
N ARG A 283 0.07 11.90 12.95
CA ARG A 283 -0.20 11.68 14.38
C ARG A 283 -1.58 12.21 14.75
N GLU A 284 -2.00 13.32 14.14
CA GLU A 284 -3.34 13.81 14.40
C GLU A 284 -4.40 12.97 13.70
N LEU A 285 -4.12 12.42 12.51
CA LEU A 285 -5.07 11.49 11.90
C LEU A 285 -5.24 10.23 12.75
N VAL A 286 -4.16 9.73 13.36
CA VAL A 286 -4.32 8.58 14.24
C VAL A 286 -5.28 8.90 15.37
N SER A 287 -5.14 10.08 15.98
CA SER A 287 -5.97 10.33 17.15
C SER A 287 -7.41 10.63 16.74
N GLU A 288 -7.61 11.25 15.57
CA GLU A 288 -8.97 11.53 15.11
C GLU A 288 -9.71 10.25 14.77
N PHE A 289 -9.06 9.34 14.03
CA PHE A 289 -9.75 8.12 13.66
C PHE A 289 -9.87 7.16 14.85
N SER A 290 -8.96 7.18 15.82
CA SER A 290 -9.21 6.40 17.02
C SER A 290 -10.42 6.93 17.77
N ARG A 291 -10.58 8.24 17.81
CA ARG A 291 -11.74 8.83 18.49
C ARG A 291 -13.03 8.43 17.79
N MET A 292 -13.06 8.54 16.46
CA MET A 292 -14.26 8.16 15.72
C MET A 292 -14.54 6.66 15.81
N ALA A 293 -13.50 5.82 15.80
CA ALA A 293 -13.70 4.38 15.85
C ALA A 293 -14.32 3.94 17.18
N ARG A 294 -14.25 4.78 18.21
CA ARG A 294 -14.87 4.44 19.50
C ARG A 294 -16.36 4.72 19.52
N ASP A 295 -16.89 5.51 18.59
CA ASP A 295 -18.34 5.69 18.45
C ASP A 295 -18.67 5.72 16.97
N PRO A 296 -18.53 4.58 16.30
CA PRO A 296 -18.47 4.60 14.83
C PRO A 296 -19.77 5.04 14.16
N GLN A 297 -20.93 4.72 14.74
CA GLN A 297 -22.17 5.02 14.04
C GLN A 297 -22.50 6.50 14.07
N ARG A 298 -21.80 7.29 14.90
CA ARG A 298 -21.94 8.74 14.84
C ARG A 298 -21.20 9.35 13.65
N PHE A 299 -20.28 8.62 13.02
CA PHE A 299 -19.44 9.19 11.97
C PHE A 299 -19.57 8.52 10.61
N VAL A 300 -19.92 7.24 10.57
CA VAL A 300 -20.12 6.51 9.32
C VAL A 300 -21.43 5.76 9.44
N VAL A 301 -22.33 5.96 8.48
CA VAL A 301 -23.63 5.29 8.52
C VAL A 301 -23.82 4.54 7.20
N ILE A 302 -23.70 3.22 7.24
CA ILE A 302 -23.90 2.42 6.04
C ILE A 302 -25.38 2.24 5.81
N GLN A 303 -25.84 2.58 4.62
CA GLN A 303 -27.26 2.79 4.37
C GLN A 303 -27.89 1.56 3.76
N ASN A 304 -29.24 1.54 3.79
CA ASN A 304 -29.97 0.44 3.16
C ASN A 304 -29.65 0.33 1.67
N GLU A 305 -29.43 1.48 0.99
CA GLU A 305 -29.12 1.46 -0.44
C GLU A 305 -27.78 0.80 -0.73
N ASP A 306 -26.86 0.86 0.24
CA ASP A 306 -25.58 0.21 0.12
C ASP A 306 -25.71 -1.31 0.21
N ASP A 314 -26.32 -10.99 6.42
CA ASP A 314 -25.16 -11.53 5.71
C ASP A 314 -23.87 -10.99 6.29
N SER A 315 -22.91 -11.88 6.50
CA SER A 315 -21.61 -11.51 7.03
C SER A 315 -20.61 -11.28 5.90
N THR A 316 -19.54 -10.58 6.24
CA THR A 316 -18.52 -10.29 5.24
C THR A 316 -17.68 -11.54 4.96
N PHE A 317 -17.23 -11.64 3.73
CA PHE A 317 -16.39 -12.73 3.26
C PHE A 317 -14.97 -12.24 3.09
N TYR A 318 -14.01 -12.96 3.65
CA TYR A 318 -12.59 -12.69 3.49
C TYR A 318 -12.04 -13.73 2.51
N ARG A 319 -11.69 -13.29 1.30
CA ARG A 319 -11.21 -14.19 0.27
C ARG A 319 -9.71 -14.45 0.45
N SER A 320 -9.32 -15.72 0.45
CA SER A 320 -7.94 -16.08 0.80
C SER A 320 -7.06 -16.29 -0.43
N LEU A 321 -5.81 -15.83 -0.34
CA LEU A 321 -4.82 -16.11 -1.39
C LEU A 321 -4.20 -17.49 -1.20
N LEU A 322 -4.49 -18.17 -0.09
CA LEU A 322 -3.94 -19.48 0.20
C LEU A 322 -4.92 -20.61 -0.06
N GLU A 323 -6.05 -20.33 -0.68
CA GLU A 323 -7.09 -21.37 -0.75
C GLU A 323 -6.66 -22.56 -1.61
N ASP A 324 -5.66 -22.41 -2.48
CA ASP A 324 -5.17 -23.53 -3.28
C ASP A 324 -3.85 -24.08 -2.78
N ASP A 325 -3.39 -23.68 -1.60
CA ASP A 325 -2.10 -24.15 -1.09
C ASP A 325 -2.28 -25.49 -0.39
N ASP A 326 -1.22 -26.30 -0.40
CA ASP A 326 -1.23 -27.57 0.33
C ASP A 326 -1.42 -27.28 1.81
N MET A 327 -2.28 -28.06 2.48
CA MET A 327 -2.50 -27.77 3.91
C MET A 327 -1.26 -27.85 4.77
N GLY A 328 -0.23 -28.58 4.34
CA GLY A 328 0.95 -28.68 5.18
C GLY A 328 1.90 -27.50 5.09
N ASP A 329 1.75 -26.65 4.07
CA ASP A 329 2.56 -25.44 3.99
C ASP A 329 2.28 -24.54 5.19
N LEU A 330 3.30 -23.79 5.64
CA LEU A 330 3.11 -22.85 6.72
C LEU A 330 2.10 -21.79 6.29
N VAL A 331 1.45 -21.17 7.27
CA VAL A 331 0.53 -20.09 6.95
C VAL A 331 1.23 -18.74 7.03
N ASP A 332 2.28 -18.64 7.84
CA ASP A 332 2.99 -17.39 8.06
C ASP A 332 4.47 -17.69 8.23
N ALA A 333 5.33 -16.93 7.54
CA ALA A 333 6.77 -17.19 7.65
C ALA A 333 7.28 -17.05 9.08
N GLU A 334 6.59 -16.28 9.93
CA GLU A 334 7.10 -16.11 11.30
C GLU A 334 7.02 -17.41 12.10
N GLU A 335 6.20 -18.38 11.67
CA GLU A 335 6.20 -19.70 12.28
C GLU A 335 7.52 -20.43 12.08
N TYR A 336 8.34 -19.99 11.13
CA TYR A 336 9.54 -20.72 10.76
C TYR A 336 10.69 -20.48 11.72
N LEU A 337 11.39 -21.56 12.02
CA LEU A 337 12.44 -21.63 13.03
C LEU A 337 13.72 -22.06 12.34
N6 W9N B . 1.82 -6.84 -3.23
C18 W9N B . 4.10 -5.46 -2.51
N5 W9N B . 0.60 -7.47 -3.17
C14 W9N B . -0.45 -7.11 -4.11
C13 W9N B . -0.71 -5.57 -3.95
C12 W9N B . -1.59 -4.98 -5.07
C17 W9N B . 3.89 -6.82 -2.18
C16 W9N B . 3.23 -9.18 0.44
C15 W9N B . -0.11 -7.43 -5.56
N3 W9N B . -0.47 -9.18 -1.71
C10 W9N B . -1.18 -6.81 -6.49
C8 W9N B . 1.76 -8.30 -1.51
C22 W9N B . 5.01 -7.70 -2.00
C7 W9N B . 2.54 -7.35 -2.23
N1 W9N B . 1.00 -9.96 0.08
C4 W9N B . 0.52 -8.36 -2.13
C19 W9N B . 5.43 -4.97 -2.54
C20 W9N B . 6.50 -5.84 -2.28
C21 W9N B . 6.32 -7.21 -2.02
C2 W9N B . -0.16 -9.92 -0.63
C24 W9N B . 8.26 -4.70 -1.19
C25 W9N B . 9.47 -3.95 -1.36
C26 W9N B . 10.04 -3.31 -0.22
C27 W9N B . 9.37 -3.46 1.01
C28 W9N B . 8.20 -4.19 1.18
C29 W9N B . 7.60 -4.83 0.07
C31 W9N B . 8.75 -3.42 3.04
C33 W9N B . 10.90 -2.13 2.60
C34 W9N B . -3.51 -6.53 -5.52
C35 W9N B . -4.32 -5.66 -4.78
C37 W9N B . -5.34 -6.35 -4.12
C38 W9N B . -0.52 -5.61 -7.20
C39 W9N B . -0.76 -4.41 -6.25
C40 W9N B . 7.53 -8.12 -1.77
C9 W9N B . 1.97 -9.13 -0.38
N11 W9N B . -2.22 -6.17 -5.65
N30 W9N B . 9.74 -2.94 2.24
N32 W9N B . 7.78 -4.15 2.50
O23 W9N B . 7.75 -5.30 -2.32
O36 W9N B . -3.99 -7.56 -6.02
C1 PEG C . 10.67 9.65 16.95
O1 PEG C . 9.91 10.82 16.67
C2 PEG C . 11.20 9.02 15.70
O2 PEG C . 12.03 7.89 16.01
C3 PEG C . 11.57 6.66 15.46
C4 PEG C . 10.65 5.97 16.41
O4 PEG C . 10.31 4.67 15.96
CL CL D . -4.70 25.51 -0.19
#